data_3MUJ
#
_entry.id   3MUJ
#
_cell.length_a   134.680
_cell.length_b   134.680
_cell.length_c   41.150
_cell.angle_alpha   90.00
_cell.angle_beta   90.00
_cell.angle_gamma   120.00
#
_symmetry.space_group_name_H-M   'P 65'
#
loop_
_entity.id
_entity.type
_entity.pdbx_description
1 polymer 'Transcription factor COE3'
2 non-polymer 1,2-ETHANEDIOL
3 non-polymer 'CHLORIDE ION'
4 water water
#
_entity_poly.entity_id   1
_entity_poly.type   'polypeptide(L)'
_entity_poly.pdbx_seq_one_letter_code
;SMEATPCIKAISPSEGWTTGGATVIIIGDNFFDGLQVVFGTMLVWSELITPHAIRVQTPPRHIPGVVEVTLSYKSKQFCK
GAPGRFVYTALNEPTIDYGFQRLQKVIPRHPGDPERLPKEVLLKRAADLVEALYGMPH
;
_entity_poly.pdbx_strand_id   A,B
#
loop_
_chem_comp.id
_chem_comp.type
_chem_comp.name
_chem_comp.formula
CL non-polymer 'CHLORIDE ION' 'Cl -1'
EDO non-polymer 1,2-ETHANEDIOL 'C2 H6 O2'
#
# COMPACT_ATOMS: atom_id res chain seq x y z
N ALA A 4 30.34 0.44 -4.11
CA ALA A 4 29.41 0.82 -3.06
C ALA A 4 28.29 1.70 -3.61
N THR A 5 28.08 1.64 -4.92
CA THR A 5 27.14 2.57 -5.58
C THR A 5 25.69 2.10 -5.36
N PRO A 6 24.80 3.01 -4.93
CA PRO A 6 23.40 2.61 -4.77
C PRO A 6 22.90 2.07 -6.09
N CYS A 7 22.11 1.02 -6.06
CA CYS A 7 21.63 0.37 -7.27
CA CYS A 7 21.54 0.48 -7.30
C CYS A 7 20.17 -0.11 -7.06
N ILE A 8 19.30 0.04 -8.06
CA ILE A 8 17.92 -0.44 -7.97
C ILE A 8 17.85 -1.79 -8.67
N LYS A 9 17.31 -2.79 -7.98
CA LYS A 9 17.09 -4.08 -8.63
C LYS A 9 15.63 -4.24 -9.02
N ALA A 10 14.74 -3.61 -8.26
CA ALA A 10 13.33 -3.74 -8.56
C ALA A 10 12.55 -2.65 -7.86
N ILE A 11 11.31 -2.43 -8.30
CA ILE A 11 10.37 -1.59 -7.56
C ILE A 11 9.02 -2.29 -7.45
N SER A 12 8.31 -2.09 -6.35
CA SER A 12 7.06 -2.80 -6.20
C SER A 12 6.10 -1.96 -5.39
N PRO A 13 4.90 -1.70 -5.93
CA PRO A 13 4.47 -2.16 -7.26
C PRO A 13 5.18 -1.34 -8.35
N SER A 14 5.12 -1.80 -9.62
CA SER A 14 5.74 -0.98 -10.68
C SER A 14 4.70 -0.22 -11.52
N GLU A 15 3.47 -0.14 -11.02
CA GLU A 15 2.48 0.73 -11.66
CA GLU A 15 2.43 0.66 -11.66
C GLU A 15 1.59 1.30 -10.56
N GLY A 16 0.86 2.36 -10.91
CA GLY A 16 -0.06 2.99 -9.96
C GLY A 16 -0.91 4.00 -10.67
N TRP A 17 -1.87 4.59 -9.97
CA TRP A 17 -2.77 5.57 -10.61
C TRP A 17 -2.15 6.93 -10.79
N THR A 18 -2.66 7.68 -11.77
CA THR A 18 -2.20 9.05 -12.00
C THR A 18 -2.41 9.93 -10.78
N THR A 19 -3.41 9.60 -9.98
CA THR A 19 -3.61 10.41 -8.80
C THR A 19 -2.51 10.30 -7.72
N GLY A 20 -1.61 9.32 -7.82
CA GLY A 20 -0.47 9.22 -6.90
C GLY A 20 -0.83 8.78 -5.49
N GLY A 21 0.15 8.83 -4.58
CA GLY A 21 -0.10 8.46 -3.20
C GLY A 21 0.06 6.99 -2.89
N ALA A 22 0.53 6.19 -3.84
CA ALA A 22 0.75 4.77 -3.57
C ALA A 22 2.08 4.54 -2.87
N THR A 23 2.14 3.53 -2.00
CA THR A 23 3.42 3.17 -1.40
C THR A 23 4.18 2.29 -2.37
N VAL A 24 5.41 2.67 -2.64
CA VAL A 24 6.26 1.85 -3.48
C VAL A 24 7.50 1.51 -2.66
N ILE A 25 7.92 0.25 -2.70
CA ILE A 25 9.21 -0.13 -2.14
C ILE A 25 10.25 -0.25 -3.27
N ILE A 26 11.36 0.44 -3.06
CA ILE A 26 12.49 0.43 -3.97
CA ILE A 26 12.46 0.40 -3.99
C ILE A 26 13.46 -0.57 -3.38
N ILE A 27 13.74 -1.64 -4.13
CA ILE A 27 14.63 -2.71 -3.65
C ILE A 27 15.95 -2.71 -4.39
N GLY A 28 17.06 -2.75 -3.66
CA GLY A 28 18.36 -2.75 -4.28
C GLY A 28 19.49 -2.94 -3.28
N ASP A 29 20.63 -2.30 -3.55
CA ASP A 29 21.85 -2.40 -2.76
C ASP A 29 22.41 -1.03 -2.47
N ASN A 30 23.07 -0.93 -1.32
CA ASN A 30 23.86 0.22 -0.93
C ASN A 30 23.05 1.46 -0.65
N PHE A 31 21.85 1.28 -0.11
CA PHE A 31 21.05 2.45 0.24
C PHE A 31 21.46 2.96 1.61
N PHE A 32 21.31 4.27 1.83
CA PHE A 32 21.68 4.90 3.10
C PHE A 32 20.79 6.08 3.38
N ASP A 33 20.86 6.56 4.61
CA ASP A 33 19.98 7.63 5.02
C ASP A 33 20.44 8.94 4.39
N GLY A 34 19.52 9.64 3.74
CA GLY A 34 19.91 10.83 2.98
C GLY A 34 19.97 10.62 1.48
N LEU A 35 20.08 9.38 1.02
CA LEU A 35 19.89 9.08 -0.39
C LEU A 35 18.51 9.52 -0.88
N GLN A 36 18.45 10.20 -2.03
CA GLN A 36 17.18 10.76 -2.49
C GLN A 36 16.61 9.98 -3.67
N VAL A 37 15.29 10.01 -3.80
CA VAL A 37 14.61 9.24 -4.85
C VAL A 37 13.93 10.23 -5.79
N VAL A 38 14.13 10.05 -7.10
CA VAL A 38 13.51 10.92 -8.09
C VAL A 38 12.60 10.08 -9.00
N PHE A 39 11.28 10.39 -9.02
CA PHE A 39 10.35 9.83 -10.00
C PHE A 39 10.24 10.73 -11.21
N GLY A 40 10.80 10.33 -12.34
CA GLY A 40 10.81 11.19 -13.50
C GLY A 40 11.64 12.39 -13.12
N THR A 41 11.00 13.55 -13.01
CA THR A 41 11.72 14.73 -12.54
C THR A 41 11.30 15.18 -11.12
N MET A 42 10.47 14.40 -10.43
CA MET A 42 10.01 14.86 -9.11
CA MET A 42 9.97 14.82 -9.12
C MET A 42 10.75 14.18 -7.97
N LEU A 43 11.39 14.98 -7.13
CA LEU A 43 12.05 14.44 -5.96
C LEU A 43 10.94 14.07 -5.02
N VAL A 44 11.02 12.89 -4.41
CA VAL A 44 9.99 12.51 -3.44
C VAL A 44 10.57 12.18 -2.04
N TRP A 45 9.73 12.29 -1.02
CA TRP A 45 10.20 11.99 0.34
C TRP A 45 10.38 10.47 0.40
N SER A 46 11.42 10.00 1.10
CA SER A 46 11.67 8.59 1.19
C SER A 46 12.10 8.24 2.59
N GLU A 47 12.04 6.97 2.87
CA GLU A 47 12.41 6.48 4.19
C GLU A 47 13.21 5.22 4.01
N LEU A 48 14.35 5.13 4.67
CA LEU A 48 15.15 3.92 4.60
C LEU A 48 14.53 2.80 5.46
N ILE A 49 14.31 1.64 4.85
CA ILE A 49 13.80 0.51 5.62
CA ILE A 49 13.81 0.54 5.66
C ILE A 49 15.02 -0.31 6.05
N THR A 50 15.79 -0.75 5.07
CA THR A 50 17.08 -1.43 5.30
C THR A 50 18.04 -0.89 4.25
N PRO A 51 19.33 -1.31 4.27
CA PRO A 51 20.22 -0.90 3.17
C PRO A 51 19.83 -1.50 1.82
N HIS A 52 18.83 -2.38 1.80
CA HIS A 52 18.33 -2.90 0.56
C HIS A 52 16.92 -2.46 0.18
N ALA A 53 16.27 -1.63 0.99
CA ALA A 53 14.88 -1.23 0.72
C ALA A 53 14.60 0.19 1.17
N ILE A 54 13.99 0.94 0.27
CA ILE A 54 13.52 2.28 0.57
C ILE A 54 12.03 2.35 0.31
N ARG A 55 11.30 3.07 1.15
CA ARG A 55 9.88 3.25 0.94
C ARG A 55 9.60 4.71 0.51
N VAL A 56 8.73 4.86 -0.50
CA VAL A 56 8.29 6.18 -0.95
C VAL A 56 6.82 6.20 -1.19
N GLN A 57 6.24 7.39 -1.34
CA GLN A 57 4.86 7.54 -1.79
C GLN A 57 4.91 8.19 -3.18
N THR A 58 4.17 7.66 -4.15
CA THR A 58 4.25 8.21 -5.51
C THR A 58 3.67 9.60 -5.60
N PRO A 59 4.34 10.47 -6.35
CA PRO A 59 3.71 11.77 -6.57
C PRO A 59 2.59 11.60 -7.64
N PRO A 60 1.60 12.51 -7.63
CA PRO A 60 0.57 12.55 -8.69
C PRO A 60 1.24 12.87 -10.02
N ARG A 61 0.71 12.32 -11.12
CA ARG A 61 1.20 12.71 -12.44
C ARG A 61 -0.01 12.84 -13.34
N HIS A 62 -0.22 14.01 -13.95
CA HIS A 62 -1.45 14.25 -14.70
C HIS A 62 -1.61 13.31 -15.91
N ILE A 63 -0.52 12.91 -16.50
CA ILE A 63 -0.57 12.21 -17.77
C ILE A 63 -0.13 10.78 -17.51
N PRO A 64 -0.89 9.78 -17.97
CA PRO A 64 -0.45 8.38 -17.91
C PRO A 64 0.87 8.16 -18.65
N GLY A 65 1.64 7.16 -18.21
CA GLY A 65 2.82 6.75 -18.95
C GLY A 65 3.95 6.37 -18.02
N VAL A 66 5.09 5.98 -18.59
CA VAL A 66 6.22 5.45 -17.80
CA VAL A 66 6.21 5.46 -17.82
C VAL A 66 7.11 6.58 -17.34
N VAL A 67 7.61 6.49 -16.11
CA VAL A 67 8.67 7.41 -15.70
C VAL A 67 9.83 6.55 -15.21
N GLU A 68 11.02 7.16 -15.19
CA GLU A 68 12.21 6.49 -14.65
C GLU A 68 12.37 6.87 -13.20
N VAL A 69 12.70 5.89 -12.38
CA VAL A 69 13.00 6.15 -11.00
C VAL A 69 14.51 6.05 -10.85
N THR A 70 15.14 7.12 -10.37
CA THR A 70 16.58 7.10 -10.19
C THR A 70 16.85 7.62 -8.80
N LEU A 71 18.11 7.60 -8.40
CA LEU A 71 18.46 8.00 -7.05
C LEU A 71 19.45 9.13 -7.14
N SER A 72 19.63 9.86 -6.04
CA SER A 72 20.51 11.03 -6.08
C SER A 72 21.08 11.28 -4.70
N TYR A 73 22.32 11.76 -4.66
CA TYR A 73 22.98 12.20 -3.43
C TYR A 73 24.05 13.28 -3.73
N LYS A 74 23.97 14.41 -3.06
CA LYS A 74 24.90 15.52 -3.34
C LYS A 74 24.84 15.84 -4.83
N SER A 75 23.62 15.82 -5.39
CA SER A 75 23.35 16.10 -6.80
C SER A 75 23.95 15.11 -7.80
N LYS A 76 24.64 14.09 -7.32
CA LYS A 76 25.08 13.03 -8.20
C LYS A 76 23.93 12.06 -8.48
N GLN A 77 23.78 11.67 -9.74
CA GLN A 77 22.66 10.78 -10.06
C GLN A 77 23.18 9.34 -10.11
N PHE A 78 22.42 8.39 -9.55
CA PHE A 78 22.69 6.95 -9.69
C PHE A 78 21.54 6.26 -10.39
N CYS A 79 21.86 5.15 -11.04
CA CYS A 79 20.90 4.22 -11.65
C CYS A 79 20.32 4.67 -12.96
N LYS A 80 20.88 5.72 -13.59
CA LYS A 80 20.34 6.14 -14.88
C LYS A 80 20.42 5.00 -15.92
N GLY A 81 21.47 4.20 -15.87
CA GLY A 81 21.65 3.12 -16.84
C GLY A 81 20.76 1.91 -16.58
N ALA A 82 20.15 1.85 -15.40
CA ALA A 82 19.25 0.75 -15.02
C ALA A 82 18.23 1.28 -14.01
N PRO A 83 17.35 2.19 -14.45
CA PRO A 83 16.41 2.86 -13.52
C PRO A 83 15.23 1.97 -13.15
N GLY A 84 14.48 2.33 -12.11
CA GLY A 84 13.22 1.67 -11.89
C GLY A 84 12.29 2.22 -12.98
N ARG A 85 11.33 1.44 -13.42
CA ARG A 85 10.35 1.89 -14.41
CA ARG A 85 10.36 1.93 -14.38
C ARG A 85 8.99 1.82 -13.77
N PHE A 86 8.35 2.95 -13.55
CA PHE A 86 7.06 3.00 -12.90
C PHE A 86 6.05 3.50 -13.92
N VAL A 87 4.96 2.74 -14.07
CA VAL A 87 3.90 3.13 -15.03
C VAL A 87 2.71 3.80 -14.38
N TYR A 88 2.50 5.07 -14.64
CA TYR A 88 1.25 5.70 -14.22
C TYR A 88 0.11 5.32 -15.14
N THR A 89 -1.06 5.02 -14.54
CA THR A 89 -2.16 4.39 -15.21
C THR A 89 -3.40 5.23 -15.02
N ALA A 90 -4.19 5.38 -16.08
CA ALA A 90 -5.44 6.13 -16.01
C ALA A 90 -6.41 5.38 -15.10
N LEU A 91 -7.30 6.10 -14.42
CA LEU A 91 -8.22 5.44 -13.50
C LEU A 91 -9.20 4.54 -14.25
N ASN A 92 -9.52 3.38 -13.66
CA ASN A 92 -10.52 2.45 -14.17
CA ASN A 92 -10.53 2.46 -14.19
C ASN A 92 -11.78 2.53 -13.30
N GLU A 93 -12.47 1.41 -13.14
CA GLU A 93 -13.67 1.40 -12.30
C GLU A 93 -13.33 1.63 -10.82
N PRO A 94 -14.22 2.30 -10.07
CA PRO A 94 -13.94 2.51 -8.64
C PRO A 94 -13.82 1.20 -7.85
N THR A 95 -12.85 1.08 -6.96
CA THR A 95 -12.76 -0.09 -6.12
C THR A 95 -12.88 0.35 -4.69
N ILE A 96 -13.10 -0.60 -3.79
CA ILE A 96 -13.08 -0.28 -2.35
C ILE A 96 -11.76 0.34 -1.88
N ASP A 97 -10.63 -0.27 -2.24
CA ASP A 97 -9.36 0.23 -1.76
C ASP A 97 -9.02 1.61 -2.29
N TYR A 98 -9.37 1.87 -3.54
CA TYR A 98 -9.08 3.17 -4.09
C TYR A 98 -9.93 4.22 -3.36
N GLY A 99 -11.19 3.90 -3.10
CA GLY A 99 -12.07 4.82 -2.38
C GLY A 99 -11.50 5.15 -1.02
N PHE A 100 -11.03 4.14 -0.33
CA PHE A 100 -10.40 4.40 0.96
C PHE A 100 -9.15 5.22 0.85
N GLN A 101 -8.35 4.97 -0.19
CA GLN A 101 -7.11 5.74 -0.36
C GLN A 101 -7.47 7.23 -0.57
N ARG A 102 -8.52 7.47 -1.36
CA ARG A 102 -8.95 8.86 -1.55
C ARG A 102 -9.36 9.48 -0.21
N LEU A 103 -10.16 8.79 0.59
CA LEU A 103 -10.60 9.37 1.87
C LEU A 103 -9.43 9.61 2.82
N GLN A 104 -8.47 8.68 2.84
CA GLN A 104 -7.28 8.86 3.69
C GLN A 104 -6.60 10.21 3.40
N LYS A 105 -6.54 10.60 2.14
CA LYS A 105 -5.96 11.87 1.77
C LYS A 105 -6.77 13.14 2.15
N VAL A 106 -8.09 13.09 2.15
CA VAL A 106 -8.81 14.34 2.44
C VAL A 106 -9.64 14.43 3.69
N ILE A 107 -9.83 13.33 4.42
CA ILE A 107 -10.68 13.36 5.61
C ILE A 107 -9.97 14.23 6.62
N PRO A 108 -10.68 15.19 7.22
CA PRO A 108 -10.01 16.09 8.16
C PRO A 108 -9.36 15.33 9.32
N ARG A 109 -8.19 15.78 9.72
CA ARG A 109 -7.41 15.23 10.82
CA ARG A 109 -7.50 15.16 10.83
C ARG A 109 -7.67 16.02 12.09
N HIS A 110 -7.66 15.35 13.24
CA HIS A 110 -7.87 16.03 14.52
C HIS A 110 -6.57 15.91 15.33
N PRO A 111 -6.33 16.83 16.27
CA PRO A 111 -5.15 16.70 17.12
C PRO A 111 -5.15 15.33 17.81
N GLY A 112 -4.03 14.62 17.75
CA GLY A 112 -3.94 13.33 18.42
C GLY A 112 -4.36 12.16 17.55
N ASP A 113 -4.62 12.40 16.25
CA ASP A 113 -4.90 11.29 15.32
C ASP A 113 -3.63 10.50 15.00
N PRO A 114 -3.79 9.19 14.73
CA PRO A 114 -2.68 8.38 14.23
C PRO A 114 -2.31 8.91 12.86
N GLU A 115 -1.10 8.64 12.40
CA GLU A 115 -0.74 9.11 11.06
C GLU A 115 -1.66 8.54 9.99
N ARG A 116 -2.15 7.32 10.23
CA ARG A 116 -3.05 6.66 9.29
C ARG A 116 -4.38 6.39 9.95
N LEU A 117 -5.47 6.98 9.44
CA LEU A 117 -6.74 6.74 10.11
C LEU A 117 -7.20 5.33 9.78
N PRO A 118 -7.77 4.64 10.76
CA PRO A 118 -8.41 3.33 10.51
C PRO A 118 -9.62 3.45 9.56
N LYS A 119 -9.96 2.37 8.84
CA LYS A 119 -11.06 2.41 7.89
C LYS A 119 -12.35 2.86 8.54
N GLU A 120 -12.61 2.39 9.77
CA GLU A 120 -13.88 2.69 10.42
C GLU A 120 -13.96 4.18 10.70
N VAL A 121 -12.83 4.80 10.96
CA VAL A 121 -12.76 6.23 11.28
C VAL A 121 -12.91 7.07 9.99
N LEU A 122 -12.21 6.69 8.92
CA LEU A 122 -12.49 7.28 7.61
C LEU A 122 -14.01 7.32 7.31
N LEU A 123 -14.72 6.21 7.58
CA LEU A 123 -16.14 6.11 7.19
C LEU A 123 -16.99 6.92 8.11
N LYS A 124 -16.64 6.88 9.39
CA LYS A 124 -17.41 7.63 10.39
C LYS A 124 -17.36 9.13 10.05
N ARG A 125 -16.16 9.63 9.80
CA ARG A 125 -15.99 11.04 9.45
C ARG A 125 -16.59 11.38 8.08
N ALA A 126 -16.42 10.51 7.10
CA ALA A 126 -17.06 10.76 5.81
C ALA A 126 -18.58 10.78 5.99
N ALA A 127 -19.12 9.84 6.78
CA ALA A 127 -20.56 9.87 7.01
C ALA A 127 -21.00 11.11 7.74
N ASP A 128 -20.24 11.56 8.75
CA ASP A 128 -20.57 12.81 9.44
C ASP A 128 -20.70 13.95 8.43
N LEU A 129 -19.71 14.07 7.54
CA LEU A 129 -19.73 15.18 6.56
C LEU A 129 -20.87 15.06 5.55
N VAL A 130 -21.15 13.84 5.08
CA VAL A 130 -22.20 13.67 4.07
C VAL A 130 -23.59 13.85 4.69
N GLU A 131 -23.73 13.44 5.94
CA GLU A 131 -25.02 13.62 6.64
C GLU A 131 -25.27 15.14 6.82
N ALA A 132 -24.19 15.91 6.99
CA ALA A 132 -24.34 17.37 7.10
C ALA A 132 -24.76 18.00 5.77
N LEU A 133 -24.52 17.30 4.66
CA LEU A 133 -24.96 17.82 3.37
C LEU A 133 -26.39 17.34 3.04
N TYR A 134 -26.65 16.06 3.26
CA TYR A 134 -27.88 15.47 2.68
C TYR A 134 -28.78 14.75 3.67
N GLY A 135 -28.32 14.63 4.91
CA GLY A 135 -29.06 14.00 5.99
C GLY A 135 -30.34 14.76 6.31
N MET A 136 -31.46 14.04 6.30
CA MET A 136 -32.85 14.54 6.32
C MET A 136 -33.19 15.45 7.51
N ALA B 4 23.19 -17.51 8.49
CA ALA B 4 22.62 -17.56 7.14
C ALA B 4 21.14 -17.94 7.12
N THR B 5 20.44 -17.77 8.23
CA THR B 5 19.03 -18.12 8.18
C THR B 5 18.18 -16.91 7.70
N PRO B 6 17.09 -17.21 7.03
CA PRO B 6 16.21 -16.14 6.55
C PRO B 6 15.72 -15.36 7.74
N CYS B 7 15.59 -14.04 7.57
CA CYS B 7 15.19 -13.17 8.64
CA CYS B 7 15.04 -13.27 8.65
C CYS B 7 14.19 -12.15 8.06
N ILE B 8 13.16 -11.79 8.80
CA ILE B 8 12.26 -10.72 8.34
C ILE B 8 12.57 -9.40 9.01
N LYS B 9 12.81 -8.36 8.22
CA LYS B 9 12.99 -7.02 8.79
C LYS B 9 11.75 -6.13 8.65
N ALA B 10 10.99 -6.28 7.58
CA ALA B 10 9.77 -5.46 7.40
C ALA B 10 8.82 -6.09 6.42
N ILE B 11 7.55 -5.67 6.48
CA ILE B 11 6.50 -6.19 5.61
C ILE B 11 5.66 -4.98 5.15
N SER B 12 5.40 -4.90 3.86
CA SER B 12 4.68 -3.77 3.31
C SER B 12 3.74 -4.20 2.19
N PRO B 13 2.44 -3.85 2.27
CA PRO B 13 1.80 -3.21 3.43
C PRO B 13 1.75 -4.18 4.62
N SER B 14 1.34 -3.66 5.75
CA SER B 14 1.25 -4.36 7.02
C SER B 14 -0.21 -4.72 7.39
N GLU B 15 -1.17 -4.49 6.48
CA GLU B 15 -2.57 -4.78 6.75
C GLU B 15 -3.26 -5.11 5.45
N GLY B 16 -4.39 -5.79 5.54
CA GLY B 16 -5.15 -6.19 4.36
C GLY B 16 -6.49 -6.75 4.79
N TRP B 17 -7.35 -7.07 3.81
CA TRP B 17 -8.67 -7.60 4.09
C TRP B 17 -8.59 -9.12 4.28
N THR B 18 -9.52 -9.62 5.07
CA THR B 18 -9.64 -11.08 5.31
C THR B 18 -9.86 -11.93 4.07
N THR B 19 -10.31 -11.32 2.99
CA THR B 19 -10.51 -12.05 1.76
C THR B 19 -9.20 -12.35 1.06
N GLY B 20 -8.10 -11.75 1.54
CA GLY B 20 -6.77 -11.97 1.00
C GLY B 20 -6.57 -11.44 -0.41
N GLY B 21 -5.46 -11.83 -1.05
CA GLY B 21 -5.16 -11.42 -2.41
C GLY B 21 -4.41 -10.11 -2.53
N ALA B 22 -3.89 -9.58 -1.43
CA ALA B 22 -3.07 -8.37 -1.52
C ALA B 22 -1.61 -8.69 -1.80
N THR B 23 -0.96 -7.94 -2.67
CA THR B 23 0.47 -8.12 -2.88
C THR B 23 1.24 -7.54 -1.69
N VAL B 24 2.11 -8.35 -1.10
CA VAL B 24 2.93 -7.87 0.02
C VAL B 24 4.37 -8.18 -0.27
N ILE B 25 5.25 -7.22 0.04
CA ILE B 25 6.67 -7.41 -0.03
C ILE B 25 7.23 -7.65 1.37
N ILE B 26 8.02 -8.70 1.50
CA ILE B 26 8.71 -9.00 2.74
C ILE B 26 10.18 -8.69 2.55
N ILE B 27 10.70 -7.83 3.40
CA ILE B 27 12.08 -7.39 3.29
C ILE B 27 12.89 -8.03 4.42
N GLY B 28 14.10 -8.48 4.14
CA GLY B 28 14.94 -9.09 5.18
C GLY B 28 16.26 -9.56 4.62
N ASP B 29 16.78 -10.67 5.13
CA ASP B 29 18.07 -11.21 4.70
C ASP B 29 17.99 -12.72 4.45
N ASN B 30 18.83 -13.19 3.55
CA ASN B 30 19.02 -14.61 3.31
C ASN B 30 17.83 -15.33 2.71
N PHE B 31 17.08 -14.67 1.83
CA PHE B 31 15.98 -15.30 1.11
C PHE B 31 16.47 -16.04 -0.11
N PHE B 32 15.69 -17.01 -0.59
CA PHE B 32 16.07 -17.85 -1.71
C PHE B 32 14.85 -18.40 -2.38
N ASP B 33 15.01 -18.98 -3.57
CA ASP B 33 13.88 -19.48 -4.31
C ASP B 33 13.28 -20.70 -3.57
N GLY B 34 11.96 -20.75 -3.43
CA GLY B 34 11.31 -21.87 -2.75
C GLY B 34 10.83 -21.57 -1.32
N LEU B 35 11.34 -20.49 -0.73
CA LEU B 35 10.96 -20.11 0.61
C LEU B 35 9.45 -19.86 0.69
N GLN B 36 8.80 -20.36 1.73
CA GLN B 36 7.36 -20.14 1.93
CA GLN B 36 7.37 -20.13 1.91
C GLN B 36 7.13 -19.17 3.06
N VAL B 37 5.92 -18.61 3.13
CA VAL B 37 5.58 -17.60 4.10
C VAL B 37 4.33 -18.05 4.78
N VAL B 38 4.31 -17.96 6.12
CA VAL B 38 3.12 -18.37 6.84
C VAL B 38 2.49 -17.17 7.53
N PHE B 39 1.22 -16.86 7.19
CA PHE B 39 0.47 -15.80 7.88
C PHE B 39 -0.37 -16.47 8.97
N GLY B 40 0.12 -16.46 10.22
CA GLY B 40 -0.57 -17.15 11.30
C GLY B 40 -0.46 -18.65 11.02
N THR B 41 -1.48 -19.26 10.44
CA THR B 41 -1.36 -20.65 10.05
C THR B 41 -1.46 -20.84 8.55
N MET B 42 -1.57 -19.77 7.77
CA MET B 42 -1.91 -19.92 6.35
C MET B 42 -0.62 -19.76 5.57
N LEU B 43 -0.22 -20.81 4.88
CA LEU B 43 1.03 -20.81 4.15
C LEU B 43 0.84 -20.45 2.67
N VAL B 44 1.76 -19.67 2.13
CA VAL B 44 1.67 -19.30 0.72
C VAL B 44 3.08 -19.41 0.22
N TRP B 45 3.21 -19.60 -1.08
CA TRP B 45 4.53 -19.59 -1.70
C TRP B 45 4.94 -18.15 -2.02
N SER B 46 6.22 -17.97 -2.29
CA SER B 46 6.74 -16.63 -2.53
C SER B 46 7.44 -16.55 -3.88
N GLU B 47 7.62 -15.33 -4.37
CA GLU B 47 8.49 -15.07 -5.51
C GLU B 47 9.73 -14.37 -5.02
N LEU B 48 10.90 -14.84 -5.43
CA LEU B 48 12.12 -14.20 -4.99
C LEU B 48 12.38 -12.95 -5.84
N ILE B 49 12.57 -11.79 -5.23
CA ILE B 49 12.94 -10.60 -6.00
CA ILE B 49 12.94 -10.59 -5.99
C ILE B 49 14.45 -10.42 -5.94
N THR B 50 14.98 -10.39 -4.72
CA THR B 50 16.43 -10.43 -4.47
C THR B 50 16.62 -11.26 -3.19
N PRO B 51 17.86 -11.51 -2.78
CA PRO B 51 18.02 -12.22 -1.50
C PRO B 51 17.48 -11.42 -0.31
N HIS B 52 17.07 -10.17 -0.57
CA HIS B 52 16.59 -9.32 0.52
C HIS B 52 15.11 -8.99 0.40
N ALA B 53 14.45 -9.49 -0.64
CA ALA B 53 13.01 -9.22 -0.80
C ALA B 53 12.27 -10.33 -1.50
N ILE B 54 11.14 -10.72 -0.93
CA ILE B 54 10.24 -11.65 -1.57
C ILE B 54 8.86 -11.08 -1.67
N ARG B 55 8.11 -11.59 -2.62
CA ARG B 55 6.78 -11.09 -2.86
C ARG B 55 5.78 -12.23 -2.70
N VAL B 56 4.66 -11.94 -2.06
CA VAL B 56 3.57 -12.89 -1.86
C VAL B 56 2.22 -12.26 -2.09
N GLN B 57 1.22 -13.09 -2.28
CA GLN B 57 -0.17 -12.68 -2.22
C GLN B 57 -0.72 -13.15 -0.90
N THR B 58 -1.35 -12.27 -0.13
CA THR B 58 -1.92 -12.70 1.14
C THR B 58 -2.97 -13.80 1.02
N PRO B 59 -2.92 -14.74 1.97
CA PRO B 59 -3.99 -15.73 1.99
C PRO B 59 -5.24 -15.14 2.69
N PRO B 60 -6.43 -15.67 2.40
CA PRO B 60 -7.65 -15.30 3.13
C PRO B 60 -7.49 -15.73 4.58
N ARG B 61 -8.19 -15.09 5.50
CA ARG B 61 -8.24 -15.56 6.86
C ARG B 61 -9.67 -15.44 7.30
N HIS B 62 -10.17 -16.45 8.01
CA HIS B 62 -11.57 -16.49 8.41
C HIS B 62 -11.92 -15.36 9.38
N ILE B 63 -11.02 -15.08 10.32
CA ILE B 63 -11.29 -14.03 11.30
C ILE B 63 -10.28 -12.94 11.12
N PRO B 64 -10.67 -11.70 11.43
CA PRO B 64 -9.70 -10.58 11.43
C PRO B 64 -8.80 -10.66 12.63
N GLY B 65 -7.74 -9.87 12.62
CA GLY B 65 -6.83 -9.82 13.75
C GLY B 65 -5.37 -9.79 13.33
N VAL B 66 -4.50 -9.68 14.31
CA VAL B 66 -3.07 -9.62 14.10
C VAL B 66 -2.58 -11.05 13.92
N VAL B 67 -1.71 -11.29 12.94
CA VAL B 67 -1.03 -12.59 12.85
C VAL B 67 0.48 -12.44 12.88
N GLU B 68 1.17 -13.51 13.32
CA GLU B 68 2.63 -13.54 13.20
C GLU B 68 2.93 -14.03 11.79
N VAL B 69 3.85 -13.36 11.12
CA VAL B 69 4.34 -13.84 9.83
C VAL B 69 5.70 -14.50 10.01
N THR B 70 5.78 -15.81 9.70
CA THR B 70 7.04 -16.52 9.78
C THR B 70 7.37 -17.11 8.43
N LEU B 71 8.55 -17.70 8.31
CA LEU B 71 8.94 -18.26 7.04
C LEU B 71 9.09 -19.78 7.20
N SER B 72 9.09 -20.49 6.11
CA SER B 72 9.19 -21.95 6.20
C SER B 72 9.87 -22.47 4.96
N TYR B 73 10.69 -23.51 5.12
CA TYR B 73 11.24 -24.21 3.98
C TYR B 73 11.49 -25.66 4.39
N LYS B 74 11.00 -26.58 3.57
CA LYS B 74 11.05 -28.00 3.89
C LYS B 74 10.56 -28.25 5.32
N SER B 75 9.46 -27.60 5.65
CA SER B 75 8.81 -27.66 6.95
C SER B 75 9.60 -27.15 8.16
N LYS B 76 10.78 -26.59 7.95
CA LYS B 76 11.48 -25.88 9.01
C LYS B 76 10.97 -24.47 9.15
N GLN B 77 10.71 -24.04 10.38
CA GLN B 77 10.18 -22.70 10.60
C GLN B 77 11.34 -21.76 10.88
N PHE B 78 11.30 -20.56 10.31
CA PHE B 78 12.27 -19.48 10.64
C PHE B 78 11.50 -18.24 11.14
N CYS B 79 12.16 -17.40 11.95
CA CYS B 79 11.65 -16.10 12.37
C CYS B 79 10.61 -16.19 13.48
N LYS B 80 10.45 -17.35 14.10
CA LYS B 80 9.48 -17.45 15.21
C LYS B 80 9.88 -16.49 16.35
N GLY B 81 11.18 -16.30 16.54
CA GLY B 81 11.66 -15.41 17.58
C GLY B 81 11.60 -13.93 17.25
N ALA B 82 11.36 -13.59 15.98
CA ALA B 82 11.14 -12.19 15.57
C ALA B 82 10.20 -12.14 14.36
N PRO B 83 8.94 -12.50 14.56
CA PRO B 83 8.06 -12.65 13.40
C PRO B 83 7.62 -11.31 12.79
N GLY B 84 7.18 -11.30 11.54
CA GLY B 84 6.56 -10.09 10.99
C GLY B 84 5.19 -9.93 11.59
N ARG B 85 4.62 -8.73 11.49
CA ARG B 85 3.30 -8.46 12.02
C ARG B 85 2.42 -8.06 10.86
N PHE B 86 1.26 -8.71 10.73
CA PHE B 86 0.35 -8.37 9.65
C PHE B 86 -1.03 -8.34 10.25
N VAL B 87 -1.83 -7.33 9.90
CA VAL B 87 -3.16 -7.19 10.50
C VAL B 87 -4.25 -7.40 9.47
N TYR B 88 -5.12 -8.36 9.73
CA TYR B 88 -6.25 -8.58 8.86
C TYR B 88 -7.44 -7.79 9.38
N THR B 89 -8.15 -7.15 8.46
CA THR B 89 -9.40 -6.46 8.78
C THR B 89 -10.56 -7.06 7.98
N ALA B 90 -11.74 -7.19 8.59
CA ALA B 90 -12.91 -7.70 7.88
C ALA B 90 -13.76 -6.53 7.38
N LEU B 91 -14.14 -6.61 6.12
CA LEU B 91 -14.96 -5.58 5.53
C LEU B 91 -16.33 -5.55 6.24
N ASN B 92 -16.74 -6.68 6.81
CA ASN B 92 -17.97 -6.70 7.57
C ASN B 92 -17.83 -6.52 9.08
N GLU B 93 -16.67 -6.05 9.55
CA GLU B 93 -16.56 -5.67 10.96
C GLU B 93 -17.71 -4.69 11.28
N PRO B 94 -18.34 -4.83 12.46
CA PRO B 94 -19.56 -4.05 12.71
C PRO B 94 -19.41 -2.54 12.58
N THR B 95 -18.32 -1.96 13.04
CA THR B 95 -18.16 -0.51 12.93
C THR B 95 -17.96 -0.06 11.50
N ILE B 96 -17.31 -0.89 10.68
CA ILE B 96 -17.14 -0.56 9.25
C ILE B 96 -18.48 -0.69 8.57
N ASP B 97 -19.19 -1.75 8.88
CA ASP B 97 -20.47 -1.97 8.26
C ASP B 97 -21.43 -0.85 8.61
N TYR B 98 -21.37 -0.38 9.86
CA TYR B 98 -22.32 0.65 10.30
C TYR B 98 -22.04 1.95 9.48
N GLY B 99 -20.76 2.22 9.24
CA GLY B 99 -20.37 3.36 8.39
C GLY B 99 -20.94 3.31 7.00
N PHE B 100 -20.88 2.13 6.37
CA PHE B 100 -21.51 1.96 5.07
C PHE B 100 -23.03 2.12 5.12
N GLN B 101 -23.67 1.58 6.15
CA GLN B 101 -25.12 1.76 6.33
C GLN B 101 -25.50 3.25 6.45
N ARG B 102 -24.68 4.02 7.16
CA ARG B 102 -24.92 5.46 7.25
C ARG B 102 -24.82 6.09 5.87
N LEU B 103 -23.77 5.73 5.13
CA LEU B 103 -23.59 6.32 3.82
C LEU B 103 -24.74 5.97 2.87
N GLN B 104 -25.21 4.72 2.94
CA GLN B 104 -26.29 4.29 2.05
C GLN B 104 -27.51 5.22 2.17
N LYS B 105 -27.75 5.75 3.36
CA LYS B 105 -28.92 6.64 3.56
C LYS B 105 -28.78 8.04 3.03
N VAL B 106 -27.54 8.52 2.84
CA VAL B 106 -27.37 9.93 2.48
C VAL B 106 -26.54 10.17 1.21
N ILE B 107 -25.86 9.17 0.65
CA ILE B 107 -25.15 9.42 -0.60
C ILE B 107 -26.13 9.73 -1.72
N PRO B 108 -25.88 10.79 -2.50
CA PRO B 108 -26.86 11.12 -3.55
C PRO B 108 -27.01 9.98 -4.54
N ARG B 109 -28.24 9.72 -4.97
CA ARG B 109 -28.52 8.68 -5.98
C ARG B 109 -28.65 9.36 -7.35
N HIS B 110 -28.01 8.77 -8.35
CA HIS B 110 -28.05 9.31 -9.70
C HIS B 110 -29.02 8.50 -10.56
N PRO B 111 -29.49 9.08 -11.66
CA PRO B 111 -30.45 8.34 -12.47
C PRO B 111 -29.87 7.02 -12.93
N GLY B 112 -30.66 5.96 -12.88
CA GLY B 112 -30.18 4.65 -13.28
C GLY B 112 -29.48 3.84 -12.19
N ASP B 113 -29.36 4.38 -10.97
CA ASP B 113 -28.70 3.61 -9.92
C ASP B 113 -29.52 2.42 -9.56
N PRO B 114 -28.86 1.37 -9.07
CA PRO B 114 -29.54 0.22 -8.45
C PRO B 114 -30.17 0.63 -7.12
N GLU B 115 -31.05 -0.21 -6.59
CA GLU B 115 -31.73 0.14 -5.34
C GLU B 115 -30.74 0.29 -4.19
N ARG B 116 -29.75 -0.59 -4.14
CA ARG B 116 -28.73 -0.53 -3.10
C ARG B 116 -27.43 -0.16 -3.79
N LEU B 117 -26.82 0.96 -3.41
CA LEU B 117 -25.53 1.30 -4.02
C LEU B 117 -24.41 0.36 -3.48
N PRO B 118 -23.59 -0.17 -4.38
CA PRO B 118 -22.46 -1.02 -3.95
C PRO B 118 -21.46 -0.18 -3.15
N LYS B 119 -20.68 -0.85 -2.32
CA LYS B 119 -19.77 -0.16 -1.42
C LYS B 119 -18.76 0.68 -2.20
N GLU B 120 -18.33 0.19 -3.37
CA GLU B 120 -17.36 0.94 -4.21
C GLU B 120 -17.89 2.32 -4.60
N VAL B 121 -19.19 2.36 -4.87
CA VAL B 121 -19.88 3.57 -5.27
C VAL B 121 -20.15 4.48 -4.08
N LEU B 122 -20.59 3.90 -2.95
CA LEU B 122 -20.71 4.70 -1.72
C LEU B 122 -19.37 5.41 -1.47
N LEU B 123 -18.25 4.69 -1.60
CA LEU B 123 -16.95 5.30 -1.25
C LEU B 123 -16.56 6.31 -2.33
N LYS B 124 -16.77 5.94 -3.59
CA LYS B 124 -16.46 6.87 -4.67
C LYS B 124 -17.16 8.22 -4.48
N ARG B 125 -18.47 8.19 -4.26
CA ARG B 125 -19.22 9.43 -4.10
C ARG B 125 -18.94 10.10 -2.76
N ALA B 126 -18.70 9.34 -1.70
CA ALA B 126 -18.30 10.02 -0.44
C ALA B 126 -16.99 10.80 -0.65
N ALA B 127 -16.04 10.20 -1.37
CA ALA B 127 -14.77 10.88 -1.58
C ALA B 127 -14.97 12.04 -2.52
N ASP B 128 -15.84 11.90 -3.51
CA ASP B 128 -16.11 13.04 -4.38
C ASP B 128 -16.61 14.19 -3.51
N LEU B 129 -17.52 13.89 -2.59
CA LEU B 129 -18.10 14.95 -1.76
C LEU B 129 -17.09 15.56 -0.78
N VAL B 130 -16.29 14.71 -0.14
CA VAL B 130 -15.29 15.23 0.81
C VAL B 130 -14.18 15.99 0.08
N GLU B 131 -13.79 15.52 -1.10
CA GLU B 131 -12.82 16.26 -1.91
C GLU B 131 -13.30 17.67 -2.30
N ALA B 132 -14.59 17.79 -2.59
CA ALA B 132 -15.15 19.12 -2.83
C ALA B 132 -15.14 19.99 -1.58
N LEU B 133 -15.12 19.41 -0.37
CA LEU B 133 -15.00 20.22 0.84
C LEU B 133 -13.54 20.56 1.16
N TYR B 134 -12.66 19.55 1.10
CA TYR B 134 -11.31 19.73 1.67
C TYR B 134 -10.18 19.43 0.71
N GLY B 135 -10.49 19.00 -0.51
CA GLY B 135 -9.48 18.62 -1.49
C GLY B 135 -8.73 19.82 -2.02
N MET B 136 -7.51 19.59 -2.52
CA MET B 136 -6.69 20.66 -3.11
C MET B 136 -6.21 21.68 -2.06
C1 EDO C . 16.10 7.90 3.30
O1 EDO C . 16.90 9.10 3.26
C2 EDO C . 16.46 6.99 2.12
O2 EDO C . 15.84 7.49 0.91
CL CL D . -6.24 3.89 3.40
C1 EDO E . -9.20 2.95 -9.03
O1 EDO E . -10.49 2.40 -8.66
C2 EDO E . -9.12 3.04 -10.55
O2 EDO E . -9.53 1.74 -11.00
C1 EDO F . 4.78 -2.91 -1.49
O1 EDO F . 3.83 -4.01 -1.58
C2 EDO F . 4.09 -1.57 -1.34
O2 EDO F . 3.45 -1.51 -0.02
CL CL G . -22.50 12.47 -5.80
#